data_6G1G
#
_entry.id   6G1G
#
_cell.length_a   73.917
_cell.length_b   73.917
_cell.length_c   74.936
_cell.angle_alpha   90.00
_cell.angle_beta   90.00
_cell.angle_gamma   120.00
#
_symmetry.space_group_name_H-M   'P 32 2 1'
#
loop_
_entity.id
_entity.type
_entity.pdbx_description
1 polymer 'Glycosyl Hydrolase'
2 branched beta-D-glucopyranose-(1-4)-beta-D-glucopyranose-(1-4)-beta-D-glucopyranose
3 non-polymer 'MANGANESE (II) ION'
4 water water
#
_entity_poly.entity_id   1
_entity_poly.type   'polypeptide(L)'
_entity_poly.pdbx_seq_one_letter_code
;GPAPANTQSGILNDGYFPPGTSKHELIARASSLKVSEVKAIIKKQVDEHWDVIRDVCGFKNKEVAYAFFFGMATRESTFR
AATETGSGASHAFGPLQTAETAYANANPNYMPEHNVPEMHQYDFTEYNFYDVGISV(OHI)MGIRHFLHFARLAKEKYSG
RDIARHGLMGYNTGWIDGADESWIVRYADETAALGAWYLRNNHMSDDEFTWDTDPRVDRSNPWEIYY
;
_entity_poly.pdbx_strand_id   A
#
# COMPACT_ATOMS: atom_id res chain seq x y z
N ASN A 13 7.21 -9.09 -15.01
CA ASN A 13 5.84 -9.66 -15.25
C ASN A 13 4.79 -9.03 -14.31
N ASP A 14 4.75 -7.71 -14.19
CA ASP A 14 3.92 -7.02 -13.20
C ASP A 14 2.48 -6.78 -13.63
N GLY A 15 2.24 -6.63 -14.93
CA GLY A 15 0.89 -6.24 -15.41
C GLY A 15 -0.05 -7.38 -15.18
N TYR A 16 -1.29 -7.05 -14.80
CA TYR A 16 -2.30 -8.05 -14.54
C TYR A 16 -3.19 -8.33 -15.71
N PHE A 17 -3.71 -7.26 -16.29
CA PHE A 17 -4.59 -7.38 -17.46
C PHE A 17 -3.77 -7.24 -18.76
N PRO A 18 -4.34 -7.72 -19.89
CA PRO A 18 -3.59 -7.66 -21.16
C PRO A 18 -3.15 -6.25 -21.56
N PRO A 19 -1.91 -6.07 -22.07
CA PRO A 19 -1.51 -4.72 -22.50
C PRO A 19 -2.44 -4.37 -23.63
N GLY A 20 -2.83 -3.12 -23.71
CA GLY A 20 -3.82 -2.73 -24.72
C GLY A 20 -5.26 -2.68 -24.22
N THR A 21 -5.53 -3.25 -23.03
CA THR A 21 -6.85 -3.12 -22.43
C THR A 21 -7.17 -1.65 -22.23
N SER A 22 -8.37 -1.23 -22.65
CA SER A 22 -8.78 0.17 -22.49
C SER A 22 -8.88 0.63 -21.05
N LYS A 23 -8.74 1.95 -20.85
CA LYS A 23 -8.94 2.52 -19.52
C LYS A 23 -10.30 2.04 -18.92
N HIS A 24 -11.39 2.12 -19.68
CA HIS A 24 -12.66 1.77 -19.14
C HIS A 24 -12.68 0.32 -18.65
N GLU A 25 -12.10 -0.58 -19.48
CA GLU A 25 -12.01 -1.99 -19.13
C GLU A 25 -11.06 -2.30 -18.01
N LEU A 26 -9.95 -1.59 -17.92
CA LEU A 26 -9.08 -1.74 -16.77
C LEU A 26 -9.82 -1.42 -15.47
N ILE A 27 -10.57 -0.31 -15.45
CA ILE A 27 -11.29 0.08 -14.25
C ILE A 27 -12.41 -0.91 -13.96
N ALA A 28 -13.19 -1.26 -14.98
CA ALA A 28 -14.32 -2.16 -14.74
C ALA A 28 -13.84 -3.54 -14.23
N ARG A 29 -12.76 -4.04 -14.83
CA ARG A 29 -12.23 -5.32 -14.43
C ARG A 29 -11.58 -5.28 -13.07
N ALA A 30 -10.95 -4.15 -12.73
CA ALA A 30 -10.46 -3.98 -11.35
C ALA A 30 -11.64 -4.00 -10.36
N SER A 31 -12.75 -3.36 -10.73
CA SER A 31 -13.88 -3.28 -9.81
CA SER A 31 -13.89 -3.28 -9.83
C SER A 31 -14.52 -4.62 -9.45
N SER A 32 -14.42 -5.52 -10.41
CA SER A 32 -14.95 -6.89 -10.31
CA SER A 32 -15.01 -6.86 -10.21
C SER A 32 -14.00 -7.89 -9.66
N LEU A 33 -12.75 -7.51 -9.42
CA LEU A 33 -11.82 -8.45 -8.75
C LEU A 33 -12.32 -8.81 -7.37
N LYS A 34 -12.32 -10.11 -7.07
CA LYS A 34 -12.63 -10.57 -5.73
C LYS A 34 -11.54 -10.16 -4.76
N VAL A 35 -11.91 -10.04 -3.49
CA VAL A 35 -10.94 -9.74 -2.44
C VAL A 35 -9.77 -10.72 -2.46
N SER A 36 -10.11 -12.02 -2.59
CA SER A 36 -9.05 -13.03 -2.64
C SER A 36 -8.09 -12.81 -3.78
N GLU A 37 -8.58 -12.32 -4.92
CA GLU A 37 -7.74 -12.06 -6.07
C GLU A 37 -6.84 -10.86 -5.82
N VAL A 38 -7.34 -9.82 -5.17
CA VAL A 38 -6.50 -8.67 -4.81
C VAL A 38 -5.41 -9.10 -3.84
N LYS A 39 -5.78 -9.92 -2.84
CA LYS A 39 -4.74 -10.44 -1.93
C LYS A 39 -3.66 -11.21 -2.70
N ALA A 40 -4.05 -12.00 -3.68
CA ALA A 40 -3.05 -12.75 -4.46
C ALA A 40 -2.13 -11.86 -5.22
N ILE A 41 -2.64 -10.75 -5.79
CA ILE A 41 -1.78 -9.81 -6.51
C ILE A 41 -0.77 -9.18 -5.57
N ILE A 42 -1.22 -8.78 -4.37
CA ILE A 42 -0.32 -8.20 -3.41
C ILE A 42 0.75 -9.20 -2.98
N LYS A 43 0.33 -10.44 -2.67
CA LYS A 43 1.32 -11.46 -2.28
C LYS A 43 2.36 -11.67 -3.35
N LYS A 44 1.93 -11.73 -4.63
CA LYS A 44 2.90 -11.91 -5.72
C LYS A 44 3.98 -10.83 -5.67
N GLN A 45 3.57 -9.56 -5.52
CA GLN A 45 4.53 -8.48 -5.46
C GLN A 45 5.42 -8.58 -4.21
N VAL A 46 4.86 -8.87 -3.06
CA VAL A 46 5.67 -9.00 -1.87
C VAL A 46 6.71 -10.13 -2.05
N ASP A 47 6.30 -11.23 -2.66
CA ASP A 47 7.24 -12.35 -2.90
C ASP A 47 8.35 -11.90 -3.82
N GLU A 48 8.02 -11.18 -4.90
CA GLU A 48 9.01 -10.74 -5.88
CA GLU A 48 9.02 -10.77 -5.86
C GLU A 48 10.01 -9.75 -5.23
N HIS A 49 9.57 -8.94 -4.29
CA HIS A 49 10.34 -7.82 -3.78
C HIS A 49 10.64 -7.99 -2.28
N TRP A 50 10.65 -9.25 -1.81
CA TRP A 50 10.80 -9.47 -0.38
C TRP A 50 12.13 -8.92 0.13
N ASP A 51 13.23 -9.16 -0.60
CA ASP A 51 14.49 -8.76 -0.05
C ASP A 51 14.57 -7.25 0.24
N VAL A 52 14.08 -6.41 -0.70
CA VAL A 52 14.12 -4.95 -0.46
C VAL A 52 13.11 -4.57 0.62
N ILE A 53 11.93 -5.17 0.64
CA ILE A 53 10.98 -4.90 1.68
C ILE A 53 11.58 -5.16 3.03
N ARG A 54 12.22 -6.34 3.17
CA ARG A 54 12.85 -6.69 4.49
C ARG A 54 14.00 -5.74 4.80
N ASP A 55 14.85 -5.46 3.82
CA ASP A 55 16.00 -4.59 4.05
C ASP A 55 15.62 -3.22 4.51
N VAL A 56 14.55 -2.66 3.93
CA VAL A 56 14.11 -1.31 4.34
C VAL A 56 13.35 -1.38 5.65
N CYS A 57 12.32 -2.24 5.74
CA CYS A 57 11.37 -2.16 6.83
C CYS A 57 11.68 -3.05 8.04
N GLY A 58 12.45 -4.14 7.82
CA GLY A 58 12.80 -5.07 8.90
C GLY A 58 11.64 -5.92 9.37
N PHE A 59 10.61 -6.11 8.55
CA PHE A 59 9.53 -7.02 8.88
C PHE A 59 10.09 -8.44 9.12
N LYS A 60 9.44 -9.13 10.05
CA LYS A 60 9.97 -10.45 10.50
C LYS A 60 10.00 -11.51 9.39
N ASN A 61 8.98 -11.57 8.58
CA ASN A 61 8.83 -12.62 7.60
C ASN A 61 7.86 -12.16 6.51
N LYS A 62 7.73 -12.97 5.45
CA LYS A 62 6.84 -12.60 4.33
CA LYS A 62 6.84 -12.56 4.34
C LYS A 62 5.40 -12.51 4.73
N GLU A 63 4.97 -13.37 5.65
CA GLU A 63 3.54 -13.39 6.02
CA GLU A 63 3.55 -13.42 6.07
C GLU A 63 3.11 -12.08 6.68
N VAL A 64 3.93 -11.53 7.54
CA VAL A 64 3.56 -10.27 8.18
C VAL A 64 3.71 -9.13 7.18
N ALA A 65 4.61 -9.25 6.22
CA ALA A 65 4.68 -8.25 5.13
C ALA A 65 3.44 -8.31 4.27
N TYR A 66 2.93 -9.48 3.93
CA TYR A 66 1.64 -9.56 3.25
C TYR A 66 0.60 -8.83 4.06
N ALA A 67 0.54 -9.11 5.37
CA ALA A 67 -0.48 -8.52 6.21
C ALA A 67 -0.37 -7.01 6.24
N PHE A 68 0.85 -6.47 6.28
CA PHE A 68 1.05 -5.03 6.28
C PHE A 68 0.40 -4.42 5.06
N PHE A 69 0.69 -4.99 3.87
CA PHE A 69 0.12 -4.46 2.64
C PHE A 69 -1.39 -4.74 2.54
N PHE A 70 -1.92 -5.79 3.17
CA PHE A 70 -3.37 -5.94 3.29
C PHE A 70 -3.95 -4.84 4.17
N GLY A 71 -3.23 -4.44 5.21
CA GLY A 71 -3.63 -3.30 6.00
C GLY A 71 -3.68 -2.03 5.17
N MET A 72 -2.67 -1.82 4.33
CA MET A 72 -2.72 -0.66 3.44
CA MET A 72 -2.67 -0.67 3.42
C MET A 72 -3.88 -0.77 2.48
N ALA A 73 -4.12 -1.92 1.87
CA ALA A 73 -5.24 -2.03 0.94
C ALA A 73 -6.52 -1.73 1.66
N THR A 74 -6.65 -2.16 2.91
CA THR A 74 -7.85 -1.94 3.67
C THR A 74 -8.04 -0.42 3.95
N ARG A 75 -6.98 0.20 4.46
CA ARG A 75 -7.06 1.60 4.85
C ARG A 75 -7.32 2.51 3.65
N GLU A 76 -6.72 2.15 2.50
CA GLU A 76 -6.72 2.99 1.31
C GLU A 76 -7.94 2.78 0.46
N SER A 77 -8.44 1.56 0.33
CA SER A 77 -9.51 1.25 -0.62
C SER A 77 -10.60 0.37 -0.08
N THR A 78 -10.49 -0.10 1.16
CA THR A 78 -11.38 -1.14 1.68
C THR A 78 -11.36 -2.35 0.73
N PHE A 79 -10.20 -2.62 0.12
CA PHE A 79 -10.04 -3.73 -0.83
C PHE A 79 -10.82 -3.58 -2.15
N ARG A 80 -11.34 -2.37 -2.41
CA ARG A 80 -12.08 -2.07 -3.67
CA ARG A 80 -12.08 -2.07 -3.68
C ARG A 80 -11.04 -1.55 -4.71
N ALA A 81 -10.61 -2.48 -5.58
CA ALA A 81 -9.43 -2.24 -6.40
C ALA A 81 -9.59 -1.17 -7.47
N ALA A 82 -10.82 -0.73 -7.76
CA ALA A 82 -11.07 0.34 -8.71
C ALA A 82 -11.21 1.71 -8.05
N THR A 83 -10.91 1.82 -6.77
CA THR A 83 -11.02 3.12 -6.11
C THR A 83 -10.11 4.16 -6.80
N GLU A 84 -10.66 5.36 -7.03
CA GLU A 84 -9.92 6.44 -7.67
C GLU A 84 -10.25 7.72 -6.94
N THR A 85 -9.23 8.45 -6.46
CA THR A 85 -9.41 9.65 -5.66
C THR A 85 -8.36 10.68 -6.07
N GLY A 86 -8.57 11.90 -5.56
CA GLY A 86 -7.55 12.93 -5.49
C GLY A 86 -7.41 13.68 -6.77
N SER A 87 -6.44 14.59 -6.75
CA SER A 87 -6.12 15.47 -7.90
CA SER A 87 -6.08 15.39 -7.89
C SER A 87 -4.57 15.67 -7.93
N GLY A 88 -4.02 15.73 -9.15
CA GLY A 88 -2.54 16.09 -9.30
C GLY A 88 -1.70 15.07 -8.53
N ALA A 89 -0.85 15.61 -7.68
CA ALA A 89 0.10 14.77 -6.92
C ALA A 89 -0.63 13.73 -6.05
N SER A 90 -1.87 14.03 -5.64
CA SER A 90 -2.68 13.10 -4.81
CA SER A 90 -2.61 13.06 -4.82
C SER A 90 -3.57 12.17 -5.64
N HIS A 91 -3.60 12.36 -6.95
CA HIS A 91 -4.45 11.52 -7.77
C HIS A 91 -3.94 10.06 -7.71
N ALA A 92 -4.82 9.17 -7.29
CA ALA A 92 -4.40 7.83 -6.90
C ALA A 92 -5.43 6.84 -7.40
N PHE A 93 -4.93 5.63 -7.68
CA PHE A 93 -5.77 4.55 -8.14
C PHE A 93 -5.37 3.25 -7.44
N GLY A 94 -6.34 2.34 -7.39
CA GLY A 94 -6.01 0.94 -7.10
C GLY A 94 -6.14 0.62 -5.64
N PRO A 95 -5.87 -0.67 -5.29
CA PRO A 95 -6.07 -1.14 -3.93
C PRO A 95 -5.25 -0.42 -2.90
N LEU A 96 -4.01 -0.01 -3.28
CA LEU A 96 -3.13 0.73 -2.36
C LEU A 96 -3.21 2.23 -2.54
N GLN A 97 -4.05 2.72 -3.46
CA GLN A 97 -4.14 4.16 -3.75
C GLN A 97 -2.76 4.72 -4.06
N THR A 98 -2.21 4.15 -5.14
CA THR A 98 -0.92 4.58 -5.65
C THR A 98 -1.07 5.95 -6.37
N ALA A 99 -0.38 6.96 -5.86
CA ALA A 99 -0.48 8.29 -6.45
C ALA A 99 0.35 8.45 -7.67
N GLU A 100 0.04 9.49 -8.46
CA GLU A 100 0.82 9.79 -9.64
C GLU A 100 2.30 10.02 -9.36
N THR A 101 2.62 10.56 -8.19
CA THR A 101 4.02 10.84 -7.81
C THR A 101 4.86 9.57 -7.77
N ALA A 102 4.27 8.38 -7.71
CA ALA A 102 5.08 7.17 -7.75
C ALA A 102 5.76 6.98 -9.09
N TYR A 103 5.17 7.52 -10.17
CA TYR A 103 5.51 7.12 -11.52
C TYR A 103 6.60 8.01 -12.13
N ALA A 104 7.41 7.41 -13.00
CA ALA A 104 8.43 8.14 -13.72
C ALA A 104 7.77 9.05 -14.78
N ASN A 105 8.30 10.22 -14.95
CA ASN A 105 7.86 11.11 -16.03
C ASN A 105 6.42 11.56 -15.88
N ALA A 106 5.88 11.62 -14.68
CA ALA A 106 4.48 11.92 -14.47
C ALA A 106 4.23 13.40 -14.59
N ASN A 107 5.03 14.19 -13.96
CA ASN A 107 4.89 15.65 -13.95
C ASN A 107 6.17 16.28 -13.47
N PRO A 108 6.67 17.35 -14.09
CA PRO A 108 7.95 17.88 -13.66
C PRO A 108 7.99 18.46 -12.26
N ASN A 109 6.81 18.75 -11.69
CA ASN A 109 6.73 19.29 -10.36
C ASN A 109 6.67 18.25 -9.25
N TYR A 110 6.70 16.98 -9.60
CA TYR A 110 6.68 15.95 -8.58
C TYR A 110 8.07 15.67 -8.07
N MET A 111 8.20 15.53 -6.77
CA MET A 111 9.51 15.24 -6.17
C MET A 111 10.00 13.86 -6.61
N PRO A 112 11.25 13.75 -6.97
CA PRO A 112 11.74 12.49 -7.57
C PRO A 112 11.81 11.33 -6.57
N GLU A 113 11.66 10.12 -7.12
CA GLU A 113 11.71 8.88 -6.31
C GLU A 113 12.74 7.93 -6.94
N HIS A 114 13.99 8.33 -6.86
CA HIS A 114 15.09 7.58 -7.45
C HIS A 114 15.93 6.83 -6.40
N ASN A 115 15.32 6.50 -5.30
CA ASN A 115 15.95 5.78 -4.21
C ASN A 115 15.39 4.39 -4.00
N VAL A 116 14.81 3.76 -5.02
CA VAL A 116 14.37 2.36 -4.91
C VAL A 116 14.86 1.63 -6.17
N PRO A 117 16.19 1.51 -6.35
CA PRO A 117 16.70 0.92 -7.54
C PRO A 117 16.34 -0.60 -7.66
N GLU A 118 15.94 -1.20 -6.56
CA GLU A 118 15.53 -2.60 -6.55
C GLU A 118 14.20 -2.85 -7.25
N MET A 119 13.42 -1.79 -7.54
CA MET A 119 12.12 -1.96 -8.18
C MET A 119 12.03 -1.04 -9.37
N HIS A 120 11.58 -1.57 -10.51
CA HIS A 120 11.43 -0.71 -11.66
C HIS A 120 10.39 0.38 -11.38
N GLN A 121 10.71 1.61 -11.83
CA GLN A 121 9.80 2.73 -11.74
C GLN A 121 9.09 2.86 -13.07
N TYR A 122 7.87 2.34 -13.16
CA TYR A 122 7.09 2.41 -14.41
C TYR A 122 6.82 3.87 -14.79
N ASP A 123 6.86 4.11 -16.09
CA ASP A 123 6.44 5.39 -16.64
C ASP A 123 4.97 5.64 -16.42
N PHE A 124 4.62 6.92 -16.34
CA PHE A 124 3.24 7.32 -16.19
C PHE A 124 2.53 7.20 -17.52
N THR A 125 1.70 6.16 -17.65
CA THR A 125 0.91 5.89 -18.81
C THR A 125 -0.45 5.40 -18.32
N GLU A 126 -1.44 5.42 -19.20
CA GLU A 126 -2.78 4.95 -18.83
C GLU A 126 -2.76 3.51 -18.29
N TYR A 127 -2.12 2.62 -19.03
CA TYR A 127 -2.03 1.23 -18.60
C TYR A 127 -1.30 1.15 -17.26
N ASN A 128 -0.17 1.84 -17.13
CA ASN A 128 0.61 1.67 -15.90
C ASN A 128 -0.11 2.22 -14.68
N PHE A 129 -0.91 3.26 -14.84
CA PHE A 129 -1.65 3.83 -13.72
C PHE A 129 -2.88 3.02 -13.38
N TYR A 130 -3.60 2.49 -14.37
CA TYR A 130 -4.88 1.84 -14.16
C TYR A 130 -4.87 0.33 -14.10
N ASP A 131 -3.81 -0.31 -14.58
CA ASP A 131 -3.71 -1.78 -14.41
C ASP A 131 -3.43 -2.10 -12.95
N VAL A 132 -4.23 -3.01 -12.38
CA VAL A 132 -4.11 -3.29 -10.97
CA VAL A 132 -4.11 -3.27 -10.93
C VAL A 132 -2.75 -3.85 -10.58
N GLY A 133 -2.16 -4.66 -11.48
CA GLY A 133 -0.85 -5.18 -11.17
C GLY A 133 0.28 -4.17 -11.11
N ILE A 134 0.32 -3.32 -12.16
CA ILE A 134 1.29 -2.24 -12.13
C ILE A 134 1.02 -1.31 -10.93
N SER A 135 -0.26 -1.03 -10.67
CA SER A 135 -0.61 -0.14 -9.56
C SER A 135 -0.09 -0.68 -8.23
N VAL A 136 -0.27 -2.00 -7.99
CA VAL A 136 0.19 -2.56 -6.74
C VAL A 136 1.72 -2.55 -6.64
N MET A 138 3.70 -0.45 -8.04
CA MET A 138 4.11 0.94 -7.85
C MET A 138 3.74 1.46 -6.48
N GLY A 139 2.65 0.97 -5.88
CA GLY A 139 2.34 1.38 -4.52
C GLY A 139 3.38 0.90 -3.53
N ILE A 140 3.79 -0.37 -3.68
CA ILE A 140 4.86 -0.89 -2.83
C ILE A 140 6.15 -0.07 -3.04
N ARG A 141 6.49 0.20 -4.29
CA ARG A 141 7.71 0.99 -4.55
C ARG A 141 7.62 2.38 -3.90
N HIS A 142 6.46 3.02 -4.07
CA HIS A 142 6.26 4.38 -3.55
C HIS A 142 6.36 4.39 -2.02
N PHE A 143 5.74 3.39 -1.38
CA PHE A 143 5.89 3.25 0.04
C PHE A 143 7.36 3.09 0.45
N LEU A 144 8.09 2.23 -0.25
CA LEU A 144 9.50 2.04 0.07
C LEU A 144 10.35 3.26 -0.14
N HIS A 145 9.97 4.12 -1.13
CA HIS A 145 10.65 5.39 -1.28
C HIS A 145 10.63 6.17 0.01
N PHE A 146 9.43 6.29 0.61
CA PHE A 146 9.30 7.05 1.86
C PHE A 146 9.87 6.28 3.08
N ALA A 147 9.68 4.97 3.13
CA ALA A 147 10.23 4.20 4.24
C ALA A 147 11.78 4.30 4.25
N ARG A 148 12.39 4.29 3.06
CA ARG A 148 13.85 4.41 3.00
C ARG A 148 14.28 5.79 3.50
N LEU A 149 13.56 6.86 3.12
CA LEU A 149 13.84 8.18 3.70
C LEU A 149 13.68 8.13 5.21
N ALA A 150 12.63 7.49 5.71
CA ALA A 150 12.41 7.39 7.15
C ALA A 150 13.55 6.64 7.88
N LYS A 151 14.11 5.65 7.24
CA LYS A 151 15.17 4.87 7.86
C LYS A 151 16.41 5.71 8.09
N GLU A 152 16.59 6.85 7.42
CA GLU A 152 17.70 7.73 7.75
C GLU A 152 17.63 8.23 9.16
N LYS A 153 16.44 8.41 9.74
CA LYS A 153 16.27 8.96 11.07
C LYS A 153 15.50 8.14 12.06
N TYR A 154 14.90 7.04 11.64
CA TYR A 154 14.03 6.23 12.49
C TYR A 154 14.48 4.77 12.41
N SER A 155 14.02 4.03 13.41
CA SER A 155 14.32 2.59 13.48
C SER A 155 13.07 1.80 13.80
N GLY A 156 13.13 0.49 13.54
CA GLY A 156 12.02 -0.38 13.95
C GLY A 156 10.70 0.02 13.31
N ARG A 157 9.66 -0.05 14.12
CA ARG A 157 8.32 0.26 13.62
C ARG A 157 8.21 1.67 13.07
N ASP A 158 9.05 2.59 13.55
CA ASP A 158 8.97 3.95 13.08
C ASP A 158 9.33 4.12 11.64
N ILE A 159 10.09 3.20 11.04
CA ILE A 159 10.39 3.22 9.60
C ILE A 159 9.09 3.06 8.84
N ALA A 160 8.35 2.01 9.08
CA ALA A 160 7.07 1.82 8.42
C ALA A 160 6.05 2.86 8.78
N ARG A 161 6.01 3.26 10.04
CA ARG A 161 5.03 4.24 10.50
C ARG A 161 5.21 5.57 9.77
N HIS A 162 6.44 6.09 9.77
CA HIS A 162 6.73 7.35 9.06
C HIS A 162 6.74 7.16 7.57
N GLY A 163 7.11 5.98 7.07
CA GLY A 163 6.99 5.69 5.67
C GLY A 163 5.53 5.83 5.20
N LEU A 164 4.59 5.33 5.99
CA LEU A 164 3.20 5.51 5.67
C LEU A 164 2.80 6.98 5.67
N MET A 165 3.29 7.76 6.60
CA MET A 165 2.97 9.20 6.59
C MET A 165 3.49 9.85 5.34
N GLY A 166 4.69 9.48 4.87
CA GLY A 166 5.18 9.97 3.60
C GLY A 166 4.30 9.55 2.46
N TYR A 167 3.91 8.28 2.42
CA TYR A 167 3.08 7.76 1.35
C TYR A 167 1.79 8.62 1.21
N ASN A 168 1.14 8.88 2.33
CA ASN A 168 -0.15 9.58 2.28
C ASN A 168 -0.04 11.06 2.12
N THR A 169 1.00 11.68 2.69
CA THR A 169 1.07 13.15 2.76
C THR A 169 2.16 13.75 1.93
N GLY A 170 3.13 12.97 1.49
CA GLY A 170 4.36 13.42 0.86
C GLY A 170 5.52 13.68 1.78
N TRP A 171 5.31 13.58 3.09
CA TRP A 171 6.29 14.00 4.08
C TRP A 171 6.29 12.99 5.20
N ILE A 172 7.48 12.45 5.50
CA ILE A 172 7.61 11.47 6.58
C ILE A 172 7.37 12.06 7.96
N ASP A 173 7.61 13.39 8.09
CA ASP A 173 7.41 14.13 9.33
C ASP A 173 6.47 15.31 9.14
N GLY A 174 5.81 15.70 10.23
CA GLY A 174 5.08 16.96 10.28
C GLY A 174 3.57 16.79 10.32
N ALA A 175 3.06 15.56 10.14
N ALA A 175 3.07 15.55 10.16
CA ALA A 175 1.67 15.30 10.31
CA ALA A 175 1.66 15.31 10.17
C ALA A 175 1.35 15.30 11.81
C ALA A 175 1.04 15.62 11.53
N ASP A 176 0.08 15.55 12.10
N ASP A 176 -0.22 16.11 11.47
CA ASP A 176 -0.47 15.53 13.42
CA ASP A 176 -1.10 16.27 12.66
C ASP A 176 -0.40 14.12 14.01
C ASP A 176 -1.01 14.91 13.35
N GLU A 177 -0.31 14.05 15.32
N GLU A 177 -0.80 14.99 14.66
CA GLU A 177 -0.14 12.71 15.92
CA GLU A 177 -0.62 13.90 15.63
C GLU A 177 -1.46 11.97 15.72
C GLU A 177 -1.65 12.73 15.54
N SER A 178 -2.52 12.68 15.76
N SER A 178 -2.86 13.17 15.45
CA SER A 178 -3.86 12.17 15.55
CA SER A 178 -3.96 12.27 15.45
C SER A 178 -4.09 11.61 14.12
C SER A 178 -4.07 11.58 14.09
N TRP A 179 -3.46 12.15 13.06
CA TRP A 179 -3.45 11.49 11.72
C TRP A 179 -2.48 10.31 11.69
N ILE A 180 -1.38 10.38 12.43
CA ILE A 180 -0.51 9.21 12.51
C ILE A 180 -1.30 8.04 13.10
N VAL A 181 -2.11 8.32 14.11
CA VAL A 181 -2.95 7.27 14.68
C VAL A 181 -4.10 6.82 13.72
N ARG A 182 -4.81 7.75 13.12
CA ARG A 182 -5.97 7.42 12.31
CA ARG A 182 -5.95 7.46 12.29
C ARG A 182 -5.56 6.81 10.98
N TYR A 183 -4.35 7.07 10.51
CA TYR A 183 -3.89 6.57 9.22
C TYR A 183 -2.86 5.45 9.43
N ALA A 184 -1.68 5.75 9.98
CA ALA A 184 -0.59 4.75 10.04
C ALA A 184 -0.86 3.65 11.07
N ASP A 185 -1.20 4.02 12.30
CA ASP A 185 -1.43 2.98 13.30
C ASP A 185 -2.64 2.16 12.97
N GLU A 186 -3.67 2.80 12.35
CA GLU A 186 -4.84 2.09 11.88
C GLU A 186 -4.43 1.05 10.86
N THR A 187 -3.59 1.42 9.89
CA THR A 187 -3.12 0.49 8.87
C THR A 187 -2.51 -0.76 9.52
N ALA A 188 -1.61 -0.55 10.50
CA ALA A 188 -0.93 -1.67 11.16
C ALA A 188 -1.98 -2.57 11.82
N ALA A 189 -2.92 -1.98 12.54
CA ALA A 189 -3.94 -2.78 13.23
C ALA A 189 -4.82 -3.56 12.27
N LEU A 190 -5.24 -2.90 11.17
CA LEU A 190 -6.07 -3.57 10.18
C LEU A 190 -5.34 -4.76 9.58
N GLY A 191 -4.06 -4.57 9.26
CA GLY A 191 -3.31 -5.69 8.67
C GLY A 191 -3.27 -6.89 9.58
N ALA A 192 -3.09 -6.66 10.87
CA ALA A 192 -2.98 -7.77 11.83
C ALA A 192 -4.25 -8.56 11.95
N TRP A 193 -5.42 -7.96 11.69
CA TRP A 193 -6.68 -8.68 11.73
C TRP A 193 -6.67 -9.83 10.74
N TYR A 194 -6.06 -9.64 9.56
CA TYR A 194 -6.03 -10.69 8.56
C TYR A 194 -5.21 -11.91 9.06
N LEU A 195 -4.08 -11.60 9.68
CA LEU A 195 -3.20 -12.70 10.12
CA LEU A 195 -3.18 -12.68 10.21
C LEU A 195 -3.86 -13.43 11.31
N ARG A 196 -4.42 -12.70 12.24
CA ARG A 196 -4.92 -13.27 13.49
C ARG A 196 -6.20 -14.05 13.33
N ASN A 197 -6.94 -13.79 12.26
CA ASN A 197 -8.28 -14.36 12.06
C ASN A 197 -8.38 -15.19 10.79
N ASN A 198 -7.23 -15.65 10.26
CA ASN A 198 -7.22 -16.57 9.15
C ASN A 198 -7.89 -15.99 7.89
N HIS A 199 -7.56 -14.73 7.56
CA HIS A 199 -8.08 -14.09 6.37
C HIS A 199 -6.97 -13.72 5.41
N MET A 200 -5.88 -14.47 5.36
CA MET A 200 -4.79 -14.14 4.47
C MET A 200 -5.02 -14.54 3.01
N SER A 201 -6.03 -15.38 2.74
CA SER A 201 -6.28 -15.81 1.37
CA SER A 201 -6.29 -15.85 1.38
C SER A 201 -7.73 -15.74 0.92
N ASP A 202 -8.67 -15.62 1.85
CA ASP A 202 -10.08 -15.70 1.53
C ASP A 202 -10.61 -14.32 1.04
N ASP A 203 -11.95 -14.22 0.92
CA ASP A 203 -12.56 -12.98 0.42
C ASP A 203 -12.96 -12.04 1.53
N GLU A 204 -12.57 -12.29 2.78
CA GLU A 204 -13.02 -11.45 3.87
CA GLU A 204 -13.02 -11.48 3.88
C GLU A 204 -12.15 -10.24 4.05
N PHE A 205 -12.76 -9.15 4.50
CA PHE A 205 -12.05 -7.92 4.76
C PHE A 205 -12.64 -7.23 5.96
N THR A 206 -11.78 -6.38 6.56
CA THR A 206 -12.19 -5.41 7.59
C THR A 206 -12.15 -4.00 6.96
N TRP A 207 -12.25 -2.99 7.80
CA TRP A 207 -12.39 -1.62 7.31
C TRP A 207 -11.98 -0.66 8.39
N ASP A 208 -11.59 0.55 7.94
CA ASP A 208 -11.25 1.63 8.84
C ASP A 208 -12.34 1.80 9.90
N THR A 209 -11.91 1.85 11.16
CA THR A 209 -12.78 1.99 12.35
C THR A 209 -13.53 0.76 12.76
N ASP A 210 -13.41 -0.38 12.09
CA ASP A 210 -14.17 -1.56 12.51
C ASP A 210 -13.86 -1.82 13.99
N PRO A 211 -14.88 -1.87 14.87
CA PRO A 211 -14.62 -2.04 16.31
C PRO A 211 -14.08 -3.39 16.68
N ARG A 212 -14.18 -4.41 15.80
CA ARG A 212 -13.61 -5.71 16.11
C ARG A 212 -12.11 -5.72 16.14
N VAL A 213 -11.49 -4.78 15.43
CA VAL A 213 -10.05 -4.82 15.22
C VAL A 213 -9.32 -4.47 16.52
N ASP A 214 -8.31 -5.28 16.89
CA ASP A 214 -7.49 -5.01 18.06
C ASP A 214 -6.47 -3.93 17.72
N ARG A 215 -6.59 -2.77 18.37
CA ARG A 215 -5.72 -1.63 18.15
C ARG A 215 -4.66 -1.47 19.19
N SER A 216 -4.54 -2.40 20.13
CA SER A 216 -3.50 -2.34 21.17
CA SER A 216 -3.49 -2.31 21.13
CA SER A 216 -3.46 -2.34 21.13
C SER A 216 -2.15 -2.78 20.55
N ASN A 217 -1.09 -2.01 20.79
CA ASN A 217 0.26 -2.36 20.36
C ASN A 217 0.30 -2.83 18.93
N PRO A 218 -0.24 -2.04 18.01
CA PRO A 218 -0.52 -2.53 16.66
C PRO A 218 0.66 -2.87 15.77
N TRP A 219 1.84 -2.42 16.15
CA TRP A 219 3.04 -2.70 15.36
C TRP A 219 3.80 -3.99 15.75
N GLU A 220 3.55 -4.47 16.92
CA GLU A 220 4.45 -5.55 17.47
C GLU A 220 4.47 -6.81 16.61
N ILE A 221 3.32 -7.15 15.99
CA ILE A 221 3.20 -8.40 15.20
C ILE A 221 4.18 -8.45 14.05
N TYR A 222 4.63 -7.26 13.56
CA TYR A 222 5.39 -7.19 12.37
C TYR A 222 6.87 -7.45 12.54
N TYR A 223 7.33 -7.51 13.78
CA TYR A 223 8.81 -7.47 14.05
C TYR A 223 9.28 -8.57 14.94
#